data_8DJ3
#
_entry.id   8DJ3
#
_cell.length_a   88.958
_cell.length_b   88.958
_cell.length_c   183.411
_cell.angle_alpha   90.000
_cell.angle_beta   90.000
_cell.angle_gamma   120.000
#
_symmetry.space_group_name_H-M   'P 32 2 1'
#
loop_
_entity.id
_entity.type
_entity.pdbx_description
1 polymer Caspase-7
2 non-polymer '2-[(2-{[(3s,5s,7s)-adamantan-1-yl]sulfamoyl}phenyl)sulfanyl]benzoic acid'
3 water water
#
_entity_poly.entity_id   1
_entity_poly.type   'polypeptide(L)'
_entity_poly.pdbx_seq_one_letter_code
;MLEADDQGCIEEQGVEDSANEDSVDAKPDRSSFVPSLFSKKKKNVTMRSIKTTRDRVPTYQYNMNFEKLGKCIIINNKNF
DKVTGMGVRNGTDKDAEALFKCFRSLGFDVIVYNDCSCAKMQDLLKKASEEDHTNAACFACILLSHGEENVIYGKDGVTP
IKDLTAHFRGDRCKTLLEKPKLFFIQACRGTELDDGIQADSGPINDTDANPRYKIPVEADFLFAYSTVPGYYSWRSPGRG
SWFVQALCSILEEHGKDLEIMQILTRVNDRVARHFESQSDDPHFHEKKQIPCVVSMLTKELYFSQ
;
_entity_poly.pdbx_strand_id   A,B
#
loop_
_chem_comp.id
_chem_comp.type
_chem_comp.name
_chem_comp.formula
SE1 non-polymer '2-[(2-{[(3s,5s,7s)-adamantan-1-yl]sulfamoyl}phenyl)sulfanyl]benzoic acid' 'C23 H25 N O4 S2'
#
# COMPACT_ATOMS: atom_id res chain seq x y z
N THR A 59 10.42 6.28 -19.34
CA THR A 59 11.33 5.32 -18.72
C THR A 59 10.72 4.82 -17.45
N TYR A 60 10.15 5.81 -16.74
CA TYR A 60 9.64 5.62 -15.41
C TYR A 60 8.15 5.78 -15.31
N GLN A 61 7.52 6.36 -16.32
CA GLN A 61 6.08 6.28 -16.47
C GLN A 61 5.74 4.90 -17.02
N TYR A 62 4.55 4.40 -16.67
CA TYR A 62 3.97 3.21 -17.29
C TYR A 62 3.49 3.55 -18.70
N ASN A 63 3.68 2.63 -19.65
CA ASN A 63 3.37 2.89 -21.06
C ASN A 63 1.86 2.96 -21.34
N MET A 64 1.40 4.05 -21.98
CA MET A 64 0.00 4.23 -22.32
C MET A 64 -0.31 4.20 -23.81
N ASN A 65 0.71 4.11 -24.68
CA ASN A 65 0.50 4.16 -26.12
C ASN A 65 -0.08 2.81 -26.57
N PHE A 66 -1.35 2.65 -26.26
CA PHE A 66 -2.04 1.43 -26.61
C PHE A 66 -3.36 1.79 -27.23
N GLU A 67 -3.85 0.87 -28.04
CA GLU A 67 -5.13 1.08 -28.68
C GLU A 67 -6.20 1.42 -27.66
N LYS A 68 -6.28 0.66 -26.56
CA LYS A 68 -7.19 1.02 -25.50
C LYS A 68 -6.48 1.12 -24.14
N LEU A 69 -7.07 1.94 -23.28
CA LEU A 69 -6.63 2.01 -21.89
C LEU A 69 -6.89 0.69 -21.20
N GLY A 70 -8.05 0.10 -21.42
CA GLY A 70 -8.34 -1.20 -20.86
C GLY A 70 -9.78 -1.36 -20.40
N LYS A 71 -10.11 -2.59 -20.06
CA LYS A 71 -11.44 -2.84 -19.55
C LYS A 71 -11.46 -2.43 -18.08
N CYS A 72 -12.63 -2.00 -17.64
CA CYS A 72 -12.87 -1.66 -16.25
C CYS A 72 -14.14 -2.35 -15.85
N ILE A 73 -14.02 -3.37 -15.03
CA ILE A 73 -15.15 -4.15 -14.58
C ILE A 73 -15.59 -3.57 -13.26
N ILE A 74 -16.76 -2.95 -13.24
CA ILE A 74 -17.38 -2.51 -12.00
C ILE A 74 -18.37 -3.57 -11.55
N ILE A 75 -18.35 -3.90 -10.25
CA ILE A 75 -19.18 -4.93 -9.66
C ILE A 75 -19.95 -4.32 -8.50
N ASN A 76 -21.23 -4.13 -8.70
CA ASN A 76 -22.03 -3.30 -7.83
C ASN A 76 -23.02 -4.18 -7.09
N ASN A 77 -22.61 -4.71 -5.95
CA ASN A 77 -23.49 -5.54 -5.14
C ASN A 77 -24.26 -4.65 -4.16
N LYS A 78 -25.54 -4.43 -4.48
CA LYS A 78 -26.48 -3.67 -3.67
C LYS A 78 -27.35 -4.56 -2.81
N ASN A 79 -27.79 -5.67 -3.37
CA ASN A 79 -28.78 -6.54 -2.78
C ASN A 79 -28.07 -7.86 -2.52
N PHE A 80 -28.27 -8.41 -1.31
CA PHE A 80 -27.67 -9.66 -0.89
C PHE A 80 -28.77 -10.61 -0.40
N ASP A 81 -28.57 -11.91 -0.65
CA ASP A 81 -29.61 -12.90 -0.40
C ASP A 81 -29.95 -13.00 1.09
N LYS A 82 -31.21 -13.38 1.39
CA LYS A 82 -31.66 -13.55 2.78
C LYS A 82 -30.86 -14.66 3.47
N VAL A 83 -30.72 -15.81 2.79
CA VAL A 83 -30.00 -16.94 3.38
C VAL A 83 -28.57 -16.53 3.76
N THR A 84 -28.00 -15.52 3.07
CA THR A 84 -26.60 -15.12 3.25
C THR A 84 -26.37 -14.26 4.49
N GLY A 85 -27.39 -13.56 4.97
CA GLY A 85 -27.24 -12.68 6.11
C GLY A 85 -26.72 -11.30 5.81
N MET A 86 -26.25 -11.02 4.59
CA MET A 86 -25.74 -9.70 4.23
C MET A 86 -26.89 -8.72 4.01
N GLY A 87 -26.56 -7.43 3.95
CA GLY A 87 -27.58 -6.39 3.87
C GLY A 87 -27.60 -5.57 2.59
N VAL A 88 -28.73 -4.90 2.32
CA VAL A 88 -28.77 -3.90 1.27
C VAL A 88 -27.66 -2.87 1.50
N ARG A 89 -26.88 -2.59 0.44
CA ARG A 89 -25.86 -1.53 0.45
C ARG A 89 -26.46 -0.43 -0.47
N ASN A 90 -27.31 0.45 0.09
CA ASN A 90 -28.13 1.36 -0.70
C ASN A 90 -27.39 2.66 -0.97
N GLY A 91 -27.39 3.11 -2.22
CA GLY A 91 -26.47 4.16 -2.65
C GLY A 91 -25.23 3.65 -3.39
N THR A 92 -24.97 2.34 -3.34
CA THR A 92 -23.90 1.73 -4.14
C THR A 92 -24.17 1.93 -5.63
N ASP A 93 -25.45 2.09 -6.00
CA ASP A 93 -25.81 2.44 -7.37
C ASP A 93 -25.49 3.88 -7.70
N LYS A 94 -25.59 4.80 -6.73
CA LYS A 94 -25.06 6.13 -6.99
C LYS A 94 -23.54 6.09 -7.14
N ASP A 95 -22.90 5.22 -6.38
CA ASP A 95 -21.46 5.17 -6.47
C ASP A 95 -21.02 4.46 -7.74
N ALA A 96 -21.70 3.39 -8.08
CA ALA A 96 -21.36 2.67 -9.29
C ALA A 96 -21.50 3.57 -10.51
N GLU A 97 -22.52 4.40 -10.53
CA GLU A 97 -22.73 5.31 -11.64
C GLU A 97 -21.67 6.38 -11.65
N ALA A 98 -21.44 6.96 -10.46
CA ALA A 98 -20.33 7.86 -10.24
C ALA A 98 -19.07 7.28 -10.83
N LEU A 99 -18.81 6.03 -10.49
CA LEU A 99 -17.63 5.36 -10.97
C LEU A 99 -17.72 5.11 -12.46
N PHE A 100 -18.88 4.69 -12.95
CA PHE A 100 -19.02 4.43 -14.36
C PHE A 100 -18.61 5.62 -15.19
N LYS A 101 -18.98 6.83 -14.75
CA LYS A 101 -18.65 8.01 -15.55
C LYS A 101 -17.18 8.36 -15.43
N CYS A 102 -16.64 8.31 -14.22
CA CYS A 102 -15.22 8.67 -13.99
C CYS A 102 -14.35 7.75 -14.84
N PHE A 103 -14.51 6.44 -14.75
CA PHE A 103 -13.66 5.54 -15.48
C PHE A 103 -14.04 5.55 -16.95
N ARG A 104 -15.22 6.07 -17.28
CA ARG A 104 -15.52 6.32 -18.68
C ARG A 104 -14.72 7.50 -19.23
N SER A 105 -14.75 8.65 -18.55
CA SER A 105 -13.93 9.78 -18.99
C SER A 105 -12.46 9.42 -19.11
N LEU A 106 -11.95 8.62 -18.18
CA LEU A 106 -10.54 8.26 -18.20
C LEU A 106 -10.15 7.51 -19.45
N GLY A 107 -11.03 6.63 -19.94
CA GLY A 107 -10.77 5.88 -21.15
C GLY A 107 -11.15 4.41 -21.08
N PHE A 108 -11.74 4.01 -19.95
CA PHE A 108 -11.97 2.60 -19.68
C PHE A 108 -13.24 2.09 -20.32
N ASP A 109 -13.20 0.85 -20.78
CA ASP A 109 -14.44 0.20 -21.19
C ASP A 109 -15.13 -0.30 -19.92
N VAL A 110 -15.73 0.64 -19.18
CA VAL A 110 -16.38 0.29 -17.94
C VAL A 110 -17.58 -0.60 -18.29
N ILE A 111 -17.74 -1.70 -17.58
CA ILE A 111 -18.95 -2.50 -17.64
C ILE A 111 -19.43 -2.79 -16.23
N VAL A 112 -20.70 -2.49 -15.95
CA VAL A 112 -21.24 -2.70 -14.61
C VAL A 112 -22.13 -3.93 -14.58
N TYR A 113 -21.72 -4.86 -13.73
CA TYR A 113 -22.53 -6.00 -13.37
C TYR A 113 -23.07 -5.74 -11.97
N ASN A 114 -24.33 -6.14 -11.74
CA ASN A 114 -25.04 -5.83 -10.51
C ASN A 114 -25.35 -7.13 -9.78
N ASP A 115 -25.42 -7.03 -8.45
CA ASP A 115 -25.75 -8.12 -7.54
C ASP A 115 -25.19 -9.48 -7.98
N CYS A 116 -23.88 -9.57 -8.05
CA CYS A 116 -23.29 -10.79 -8.57
C CYS A 116 -23.25 -11.86 -7.49
N SER A 117 -23.14 -13.08 -7.94
CA SER A 117 -22.89 -14.22 -7.08
C SER A 117 -21.40 -14.35 -6.86
N CYS A 118 -21.00 -14.92 -5.72
CA CYS A 118 -19.59 -15.26 -5.56
C CYS A 118 -19.17 -16.12 -6.73
N ALA A 119 -20.12 -16.87 -7.25
CA ALA A 119 -19.89 -17.66 -8.44
C ALA A 119 -19.60 -16.76 -9.62
N LYS A 120 -20.49 -15.77 -9.83
CA LYS A 120 -20.38 -14.91 -11.01
C LYS A 120 -19.11 -14.08 -10.96
N MET A 121 -18.78 -13.57 -9.76
CA MET A 121 -17.57 -12.80 -9.58
C MET A 121 -16.33 -13.60 -9.98
N GLN A 122 -16.08 -14.74 -9.30
CA GLN A 122 -14.85 -15.48 -9.59
C GLN A 122 -14.84 -15.85 -11.06
N ASP A 123 -16.02 -16.18 -11.61
CA ASP A 123 -16.13 -16.49 -13.03
C ASP A 123 -15.89 -15.25 -13.87
N LEU A 124 -16.60 -14.18 -13.54
CA LEU A 124 -16.59 -13.00 -14.39
C LEU A 124 -15.20 -12.39 -14.48
N LEU A 125 -14.40 -12.57 -13.43
CA LEU A 125 -13.02 -12.16 -13.43
C LEU A 125 -12.15 -13.17 -14.15
N LYS A 126 -12.44 -14.47 -14.03
CA LYS A 126 -11.70 -15.45 -14.81
C LYS A 126 -11.93 -15.23 -16.30
N LYS A 127 -13.17 -14.98 -16.71
CA LYS A 127 -13.42 -14.72 -18.13
C LYS A 127 -12.64 -13.50 -18.56
N ALA A 128 -12.53 -12.52 -17.68
CA ALA A 128 -11.84 -11.29 -18.02
C ALA A 128 -10.34 -11.48 -18.14
N SER A 129 -9.76 -12.34 -17.30
CA SER A 129 -8.31 -12.51 -17.38
C SER A 129 -7.93 -13.26 -18.62
N GLU A 130 -8.82 -14.08 -19.13
CA GLU A 130 -8.51 -14.86 -20.29
C GLU A 130 -8.66 -14.08 -21.59
N GLU A 131 -9.30 -12.92 -21.57
CA GLU A 131 -9.42 -12.10 -22.78
C GLU A 131 -8.04 -11.63 -23.25
N ASP A 132 -7.97 -10.95 -24.38
CA ASP A 132 -6.70 -10.47 -24.93
C ASP A 132 -6.52 -8.98 -24.69
N HIS A 133 -5.35 -8.62 -24.15
CA HIS A 133 -5.04 -7.23 -23.82
C HIS A 133 -3.85 -6.67 -24.58
N THR A 134 -3.38 -7.34 -25.64
CA THR A 134 -2.16 -6.87 -26.29
C THR A 134 -2.29 -5.43 -26.70
N ASN A 135 -3.52 -4.98 -26.90
CA ASN A 135 -3.84 -3.64 -27.31
C ASN A 135 -4.37 -2.80 -26.15
N ALA A 136 -4.23 -3.26 -24.90
CA ALA A 136 -4.70 -2.55 -23.72
C ALA A 136 -3.54 -2.01 -22.90
N ALA A 137 -3.70 -0.81 -22.35
CA ALA A 137 -2.62 -0.27 -21.52
C ALA A 137 -2.62 -0.83 -20.10
N CYS A 138 -3.81 -0.99 -19.51
CA CYS A 138 -3.93 -1.59 -18.19
C CYS A 138 -5.29 -2.28 -18.10
N PHE A 139 -5.72 -2.60 -16.88
CA PHE A 139 -7.04 -3.14 -16.67
C PHE A 139 -7.51 -2.73 -15.28
N ALA A 140 -8.69 -2.14 -15.19
CA ALA A 140 -9.25 -1.70 -13.92
C ALA A 140 -10.37 -2.61 -13.45
N CYS A 141 -10.52 -2.69 -12.12
CA CYS A 141 -11.66 -3.37 -11.54
C CYS A 141 -12.07 -2.74 -10.21
N ILE A 142 -13.38 -2.65 -10.00
CA ILE A 142 -13.99 -1.89 -8.92
C ILE A 142 -15.06 -2.75 -8.26
N LEU A 143 -14.95 -2.98 -6.95
CA LEU A 143 -15.89 -3.84 -6.23
C LEU A 143 -16.66 -3.04 -5.19
N LEU A 144 -17.99 -3.10 -5.18
CA LEU A 144 -18.83 -2.24 -4.31
C LEU A 144 -19.79 -3.16 -3.52
N SER A 145 -19.29 -4.01 -2.62
CA SER A 145 -20.10 -4.98 -1.83
C SER A 145 -19.83 -4.79 -0.34
N HIS A 146 -20.25 -5.72 0.53
CA HIS A 146 -19.91 -5.73 1.97
C HIS A 146 -18.62 -6.56 2.05
N GLY A 147 -17.88 -6.56 3.16
CA GLY A 147 -16.59 -7.26 3.22
C GLY A 147 -16.11 -7.57 4.62
N GLU A 148 -15.14 -8.49 4.76
CA GLU A 148 -14.61 -8.90 6.06
C GLU A 148 -13.22 -9.50 5.89
N GLU A 149 -12.20 -8.81 6.35
CA GLU A 149 -10.81 -9.30 6.28
C GLU A 149 -10.50 -9.61 4.81
N ASN A 150 -9.83 -10.72 4.52
CA ASN A 150 -9.49 -11.13 3.16
C ASN A 150 -10.61 -11.85 2.41
N VAL A 151 -11.81 -11.27 2.40
CA VAL A 151 -12.94 -11.88 1.68
C VAL A 151 -13.91 -10.81 1.19
N ILE A 152 -14.34 -10.93 -0.08
CA ILE A 152 -15.40 -10.12 -0.67
C ILE A 152 -16.71 -10.89 -0.64
N TYR A 153 -17.84 -10.16 -0.51
CA TYR A 153 -19.17 -10.77 -0.47
C TYR A 153 -19.84 -10.80 -1.85
N GLY A 154 -20.74 -11.78 -2.01
CA GLY A 154 -21.64 -11.87 -3.15
C GLY A 154 -23.10 -11.97 -2.76
N LYS A 155 -23.95 -12.44 -3.68
CA LYS A 155 -25.33 -12.72 -3.31
C LYS A 155 -25.42 -14.00 -2.47
N ASP A 156 -24.60 -15.00 -2.77
CA ASP A 156 -24.72 -16.28 -2.12
C ASP A 156 -23.75 -16.50 -0.97
N GLY A 157 -22.80 -15.60 -0.79
CA GLY A 157 -21.83 -15.78 0.28
C GLY A 157 -20.62 -14.86 0.19
N VAL A 158 -19.43 -15.41 0.34
CA VAL A 158 -18.20 -14.63 0.26
C VAL A 158 -17.18 -15.43 -0.51
N THR A 159 -16.44 -14.77 -1.39
CA THR A 159 -15.30 -15.36 -2.06
C THR A 159 -14.06 -14.59 -1.62
N PRO A 160 -12.98 -15.27 -1.24
CA PRO A 160 -11.73 -14.57 -0.93
C PRO A 160 -11.24 -13.74 -2.10
N ILE A 161 -10.77 -12.53 -1.76
CA ILE A 161 -10.35 -11.57 -2.78
C ILE A 161 -9.13 -12.07 -3.53
N LYS A 162 -8.21 -12.73 -2.85
CA LYS A 162 -7.07 -13.25 -3.57
C LYS A 162 -7.56 -14.05 -4.78
N ASP A 163 -8.71 -14.71 -4.65
CA ASP A 163 -9.23 -15.51 -5.76
C ASP A 163 -9.58 -14.63 -6.94
N LEU A 164 -10.15 -13.44 -6.67
CA LEU A 164 -10.55 -12.56 -7.75
C LEU A 164 -9.33 -12.02 -8.48
N THR A 165 -8.29 -11.69 -7.73
CA THR A 165 -7.11 -11.05 -8.29
C THR A 165 -6.13 -12.04 -8.88
N ALA A 166 -6.08 -13.25 -8.31
CA ALA A 166 -5.07 -14.19 -8.75
C ALA A 166 -5.18 -14.43 -10.23
N HIS A 167 -6.41 -14.38 -10.76
CA HIS A 167 -6.64 -14.66 -12.16
C HIS A 167 -5.73 -13.84 -13.07
N PHE A 168 -5.29 -12.64 -12.64
CA PHE A 168 -4.51 -11.68 -13.48
C PHE A 168 -3.02 -11.72 -13.13
N ARG A 169 -2.56 -12.71 -12.34
CA ARG A 169 -1.12 -12.85 -11.93
C ARG A 169 -0.26 -12.92 -13.19
N GLY A 170 1.07 -12.78 -13.08
CA GLY A 170 1.91 -12.74 -14.28
C GLY A 170 1.93 -14.10 -14.98
N ASP A 171 1.82 -15.19 -14.22
CA ASP A 171 1.86 -16.55 -14.74
C ASP A 171 0.51 -17.01 -15.32
N ARG A 172 -0.50 -16.12 -15.43
CA ARG A 172 -1.85 -16.48 -15.87
C ARG A 172 -2.31 -15.65 -17.06
N CYS A 173 -2.13 -14.35 -16.99
CA CYS A 173 -2.62 -13.40 -17.96
C CYS A 173 -1.45 -12.76 -18.70
N LYS A 174 -0.80 -13.53 -19.56
CA LYS A 174 0.45 -13.06 -20.16
C LYS A 174 0.28 -11.72 -20.86
N THR A 175 -0.92 -11.36 -21.29
CA THR A 175 -1.10 -10.15 -22.09
C THR A 175 -1.27 -8.89 -21.25
N LEU A 176 -1.61 -9.02 -19.98
CA LEU A 176 -1.62 -7.87 -19.09
C LEU A 176 -0.34 -7.84 -18.29
N LEU A 177 0.69 -8.50 -18.79
CA LEU A 177 1.97 -8.52 -18.11
C LEU A 177 2.63 -7.16 -18.17
N GLU A 178 3.38 -6.80 -17.11
CA GLU A 178 4.12 -5.55 -17.06
C GLU A 178 3.21 -4.34 -17.22
N LYS A 179 1.90 -4.54 -17.04
CA LYS A 179 0.88 -3.53 -17.21
C LYS A 179 0.12 -3.38 -15.90
N PRO A 180 -0.30 -2.19 -15.55
CA PRO A 180 -1.02 -2.01 -14.30
C PRO A 180 -2.26 -2.88 -14.22
N LYS A 181 -2.44 -3.53 -13.09
CA LYS A 181 -3.68 -4.20 -12.74
C LYS A 181 -4.21 -3.47 -11.53
N LEU A 182 -5.31 -2.76 -11.71
CA LEU A 182 -5.87 -1.89 -10.70
C LEU A 182 -7.12 -2.48 -10.11
N PHE A 183 -7.24 -2.39 -8.80
CA PHE A 183 -8.40 -2.92 -8.08
C PHE A 183 -8.82 -1.92 -7.04
N PHE A 184 -10.03 -1.41 -7.16
CA PHE A 184 -10.58 -0.47 -6.21
C PHE A 184 -11.73 -1.14 -5.48
N ILE A 185 -11.71 -1.07 -4.16
CA ILE A 185 -12.58 -1.90 -3.35
C ILE A 185 -13.20 -1.10 -2.25
N GLN A 186 -14.52 -1.19 -2.13
CA GLN A 186 -15.23 -0.64 -0.99
C GLN A 186 -15.91 -1.78 -0.21
N ALA A 187 -15.30 -2.17 0.91
CA ALA A 187 -15.88 -3.11 1.84
C ALA A 187 -16.67 -2.34 2.88
N CYS A 188 -18.00 -2.37 2.79
CA CYS A 188 -18.90 -1.69 3.73
C CYS A 188 -18.91 -2.56 4.98
N ARG A 189 -18.10 -2.17 5.97
CA ARG A 189 -17.91 -2.92 7.23
C ARG A 189 -16.64 -3.78 7.13
N LYS A 214 12.56 -11.18 -16.77
CA LYS A 214 12.46 -11.55 -15.35
C LYS A 214 11.59 -10.59 -14.50
N ILE A 215 10.27 -10.62 -14.70
CA ILE A 215 9.33 -9.76 -14.00
C ILE A 215 8.47 -10.61 -13.06
N PRO A 216 8.33 -10.24 -11.77
CA PRO A 216 7.57 -11.08 -10.81
C PRO A 216 6.12 -11.33 -11.21
N VAL A 217 5.50 -12.28 -10.50
CA VAL A 217 4.10 -12.64 -10.76
C VAL A 217 3.17 -11.61 -10.13
N GLU A 218 3.48 -11.18 -8.91
CA GLU A 218 2.62 -10.27 -8.18
C GLU A 218 2.98 -8.80 -8.43
N ALA A 219 3.95 -8.52 -9.28
CA ALA A 219 4.25 -7.16 -9.67
C ALA A 219 3.13 -6.50 -10.45
N ASP A 220 3.07 -5.19 -10.33
CA ASP A 220 2.19 -4.30 -11.08
C ASP A 220 0.70 -4.44 -10.74
N PHE A 221 0.33 -4.99 -9.61
CA PHE A 221 -1.01 -4.76 -9.10
C PHE A 221 -1.02 -3.53 -8.17
N LEU A 222 -2.19 -2.93 -8.01
CA LEU A 222 -2.41 -1.85 -7.06
C LEU A 222 -3.78 -2.06 -6.49
N PHE A 223 -3.89 -1.99 -5.19
CA PHE A 223 -5.18 -2.11 -4.54
C PHE A 223 -5.44 -0.81 -3.85
N ALA A 224 -6.66 -0.34 -3.93
CA ALA A 224 -7.13 0.77 -3.11
C ALA A 224 -8.34 0.24 -2.32
N TYR A 225 -8.13 -0.13 -1.07
CA TYR A 225 -9.23 -0.41 -0.17
C TYR A 225 -9.78 0.93 0.35
N SER A 226 -11.04 0.94 0.84
CA SER A 226 -11.70 2.15 1.36
C SER A 226 -11.43 2.40 2.85
N THR A 227 -10.77 1.44 3.50
CA THR A 227 -10.62 1.32 4.95
C THR A 227 -9.43 0.41 5.23
N VAL A 228 -8.83 0.57 6.41
CA VAL A 228 -7.62 -0.17 6.78
C VAL A 228 -7.91 -1.53 7.46
N TYR A 232 -14.21 0.06 10.01
CA TYR A 232 -15.37 0.04 9.11
C TYR A 232 -15.16 0.92 7.90
N SER A 233 -16.14 0.94 7.03
CA SER A 233 -16.14 1.81 5.85
C SER A 233 -17.55 2.36 5.75
N TRP A 234 -17.71 3.68 5.81
CA TRP A 234 -19.01 4.30 6.03
C TRP A 234 -19.62 4.92 4.78
N ARG A 235 -20.95 4.78 4.61
CA ARG A 235 -21.70 5.31 3.46
C ARG A 235 -22.94 6.08 3.89
N GLY A 238 -28.15 6.50 1.83
CA GLY A 238 -27.86 6.91 0.46
C GLY A 238 -26.87 8.06 0.40
N ARG A 239 -26.89 8.78 -0.73
CA ARG A 239 -26.10 9.99 -0.97
C ARG A 239 -24.62 9.69 -1.22
N GLY A 240 -24.32 8.55 -1.81
CA GLY A 240 -22.96 8.14 -2.02
C GLY A 240 -22.35 7.50 -0.79
N SER A 241 -21.06 7.29 -0.91
CA SER A 241 -20.19 6.92 0.19
C SER A 241 -18.97 7.83 0.13
N TRP A 242 -18.27 7.97 1.26
CA TRP A 242 -17.20 8.98 1.34
C TRP A 242 -16.07 8.64 0.38
N PHE A 243 -15.64 7.37 0.42
CA PHE A 243 -14.49 6.93 -0.37
C PHE A 243 -14.74 7.13 -1.85
N VAL A 244 -15.93 6.79 -2.32
CA VAL A 244 -16.18 6.87 -3.75
C VAL A 244 -16.36 8.31 -4.14
N GLN A 245 -17.19 9.02 -3.38
CA GLN A 245 -17.48 10.42 -3.66
C GLN A 245 -16.21 11.17 -3.98
N ALA A 246 -15.18 10.88 -3.19
CA ALA A 246 -13.94 11.62 -3.28
C ALA A 246 -13.10 11.13 -4.42
N LEU A 247 -12.95 9.81 -4.53
CA LEU A 247 -12.22 9.24 -5.65
C LEU A 247 -12.71 9.82 -6.95
N CYS A 248 -14.01 10.03 -7.09
CA CYS A 248 -14.57 10.43 -8.36
C CYS A 248 -14.35 11.90 -8.61
N SER A 249 -14.61 12.69 -7.58
CA SER A 249 -14.26 14.11 -7.62
C SER A 249 -12.81 14.32 -8.05
N ILE A 250 -11.88 13.55 -7.48
CA ILE A 250 -10.47 13.82 -7.72
C ILE A 250 -10.11 13.42 -9.14
N LEU A 251 -10.64 12.31 -9.60
CA LEU A 251 -10.45 11.90 -10.98
C LEU A 251 -11.20 12.79 -11.94
N GLU A 252 -12.43 13.19 -11.56
CA GLU A 252 -13.22 14.06 -12.43
C GLU A 252 -12.35 15.23 -12.91
N GLU A 253 -11.53 15.78 -12.02
CA GLU A 253 -10.62 16.86 -12.42
C GLU A 253 -9.25 16.34 -12.84
N HIS A 254 -8.48 15.81 -11.89
CA HIS A 254 -7.06 15.54 -12.09
C HIS A 254 -6.75 14.20 -12.74
N GLY A 255 -7.75 13.47 -13.23
CA GLY A 255 -7.49 12.14 -13.77
C GLY A 255 -6.45 12.11 -14.87
N LYS A 256 -6.38 13.16 -15.69
CA LYS A 256 -5.54 13.15 -16.88
C LYS A 256 -4.25 13.95 -16.71
N ASP A 257 -4.02 14.54 -15.53
CA ASP A 257 -2.77 15.26 -15.30
C ASP A 257 -2.11 14.95 -13.95
N LEU A 258 -2.43 13.82 -13.31
CA LEU A 258 -1.86 13.46 -12.00
C LEU A 258 -1.57 11.97 -11.90
N GLU A 259 -0.43 11.63 -11.30
CA GLU A 259 0.00 10.22 -11.16
C GLU A 259 -1.00 9.50 -10.28
N ILE A 260 -1.05 8.17 -10.37
CA ILE A 260 -2.04 7.40 -9.67
C ILE A 260 -1.89 7.59 -8.17
N MET A 261 -0.65 7.58 -7.67
CA MET A 261 -0.47 7.64 -6.23
C MET A 261 -0.82 9.00 -5.70
N GLN A 262 -0.59 10.04 -6.51
CA GLN A 262 -0.96 11.39 -6.10
C GLN A 262 -2.46 11.50 -5.98
N ILE A 263 -3.18 10.97 -6.95
CA ILE A 263 -4.62 10.95 -6.88
C ILE A 263 -5.05 10.23 -5.61
N LEU A 264 -4.64 9.00 -5.48
CA LEU A 264 -5.11 8.25 -4.35
C LEU A 264 -4.69 8.91 -3.06
N THR A 265 -3.53 9.57 -3.03
CA THR A 265 -3.15 10.25 -1.80
C THR A 265 -4.15 11.35 -1.48
N ARG A 266 -4.62 12.06 -2.51
CA ARG A 266 -5.64 13.06 -2.25
C ARG A 266 -6.94 12.43 -1.79
N VAL A 267 -7.24 11.24 -2.30
CA VAL A 267 -8.52 10.54 -1.96
C VAL A 267 -8.41 10.07 -0.51
N ASN A 268 -7.19 9.83 -0.02
CA ASN A 268 -6.96 9.38 1.38
C ASN A 268 -7.10 10.60 2.29
N ASP A 269 -6.83 11.80 1.78
CA ASP A 269 -6.96 13.06 2.55
C ASP A 269 -8.43 13.43 2.66
N ARG A 270 -9.14 13.65 1.56
CA ARG A 270 -10.56 14.01 1.53
C ARG A 270 -11.38 13.10 2.45
N VAL A 271 -11.16 11.79 2.40
CA VAL A 271 -11.98 10.80 3.18
C VAL A 271 -11.70 11.04 4.66
N ALA A 272 -10.45 11.33 5.04
CA ALA A 272 -10.04 11.52 6.45
C ALA A 272 -10.58 12.85 7.00
N ARG A 273 -10.25 13.98 6.37
CA ARG A 273 -10.59 15.33 6.87
C ARG A 273 -12.06 15.68 6.63
N HIS A 274 -12.50 15.69 5.36
CA HIS A 274 -13.88 16.15 5.01
C HIS A 274 -14.93 15.34 5.79
N PHE A 275 -14.67 14.07 6.13
CA PHE A 275 -15.62 13.17 6.85
C PHE A 275 -14.98 12.69 8.16
N LYS A 288 -14.30 9.30 11.97
CA LYS A 288 -13.57 9.44 10.71
C LYS A 288 -12.79 8.14 10.40
N GLN A 289 -12.62 7.81 9.10
CA GLN A 289 -11.91 6.61 8.65
C GLN A 289 -10.87 6.98 7.58
N ILE A 290 -9.98 6.03 7.29
CA ILE A 290 -8.92 6.26 6.31
C ILE A 290 -8.79 5.11 5.32
N PRO A 291 -8.68 5.42 4.04
CA PRO A 291 -8.43 4.39 3.04
C PRO A 291 -6.98 3.96 3.05
N CYS A 292 -6.80 2.74 2.53
CA CYS A 292 -5.48 2.10 2.44
C CYS A 292 -5.16 1.94 0.96
N VAL A 293 -3.89 1.95 0.61
CA VAL A 293 -3.42 1.84 -0.76
C VAL A 293 -2.25 0.90 -0.80
N VAL A 294 -2.37 -0.16 -1.57
CA VAL A 294 -1.28 -1.11 -1.73
C VAL A 294 -0.78 -0.99 -3.15
N SER A 295 0.53 -0.77 -3.29
CA SER A 295 1.11 -0.62 -4.61
C SER A 295 2.22 -1.62 -4.71
N MET A 296 2.09 -2.53 -5.65
CA MET A 296 3.19 -3.26 -6.22
C MET A 296 3.51 -2.73 -7.59
N LEU A 297 2.97 -1.57 -7.95
CA LEU A 297 3.37 -0.94 -9.21
C LEU A 297 4.87 -0.77 -9.23
N THR A 298 5.46 -0.90 -10.42
CA THR A 298 6.89 -0.68 -10.59
C THR A 298 7.19 0.59 -11.39
N LYS A 299 6.16 1.38 -11.68
CA LYS A 299 6.34 2.58 -12.48
C LYS A 299 5.29 3.62 -12.08
N GLU A 300 5.32 4.75 -12.74
CA GLU A 300 4.39 5.82 -12.44
C GLU A 300 3.22 5.63 -13.38
N LEU A 301 2.03 5.72 -12.86
CA LEU A 301 0.84 5.42 -13.67
C LEU A 301 0.08 6.69 -13.97
N TYR A 302 0.21 7.15 -15.20
CA TYR A 302 -0.56 8.26 -15.70
C TYR A 302 -1.56 7.77 -16.73
N PHE A 303 -2.77 8.33 -16.70
CA PHE A 303 -3.79 7.92 -17.64
C PHE A 303 -3.71 8.68 -18.96
N SER A 304 -2.53 8.71 -19.58
CA SER A 304 -2.33 9.41 -20.87
C SER A 304 -0.83 9.42 -21.22
N THR B 59 0.36 22.87 0.64
CA THR B 59 -1.06 22.47 0.50
C THR B 59 -1.12 20.95 0.34
N TYR B 60 -0.23 20.48 -0.52
CA TYR B 60 -0.18 19.09 -0.92
C TYR B 60 1.11 18.38 -0.55
N GLN B 61 2.17 19.11 -0.18
CA GLN B 61 3.29 18.49 0.51
C GLN B 61 2.90 18.33 1.97
N TYR B 62 3.58 17.37 2.61
CA TYR B 62 3.54 17.24 4.07
C TYR B 62 4.49 18.36 4.48
N ASN B 63 4.19 19.09 5.54
CA ASN B 63 5.02 20.24 5.90
C ASN B 63 6.37 19.82 6.46
N MET B 64 7.43 20.41 5.90
CA MET B 64 8.79 20.10 6.32
C MET B 64 9.46 21.25 7.09
N ASN B 65 8.77 22.37 7.25
CA ASN B 65 9.34 23.52 7.96
C ASN B 65 9.38 23.15 9.44
N PHE B 66 10.31 22.26 9.78
CA PHE B 66 10.51 21.80 11.15
C PHE B 66 11.99 21.87 11.50
N GLU B 67 12.26 22.05 12.79
CA GLU B 67 13.63 22.09 13.28
C GLU B 67 14.41 20.85 12.82
N LYS B 68 13.81 19.67 12.97
CA LYS B 68 14.44 18.44 12.55
C LYS B 68 13.59 17.66 11.54
N LEU B 69 14.29 16.84 10.75
CA LEU B 69 13.60 15.85 9.94
C LEU B 69 12.95 14.77 10.81
N GLY B 70 13.67 14.27 11.82
CA GLY B 70 13.04 13.30 12.71
C GLY B 70 13.92 12.16 13.18
N LYS B 71 13.41 11.37 14.10
CA LYS B 71 14.11 10.21 14.57
C LYS B 71 14.01 9.14 13.50
N CYS B 72 15.01 8.28 13.43
CA CYS B 72 14.95 7.14 12.53
C CYS B 72 15.51 5.94 13.28
N ILE B 73 14.65 5.03 13.69
CA ILE B 73 15.05 3.90 14.51
C ILE B 73 15.27 2.70 13.60
N ILE B 74 16.50 2.28 13.49
CA ILE B 74 16.87 1.03 12.83
C ILE B 74 17.00 -0.04 13.89
N ILE B 75 16.47 -1.23 13.62
CA ILE B 75 16.54 -2.36 14.54
C ILE B 75 17.14 -3.52 13.79
N ASN B 76 18.36 -3.87 14.14
CA ASN B 76 19.16 -4.78 13.35
C ASN B 76 19.27 -6.10 14.12
N ASN B 77 18.31 -6.97 13.90
CA ASN B 77 18.33 -8.31 14.47
C ASN B 77 19.02 -9.24 13.49
N LYS B 78 20.23 -9.64 13.87
CA LYS B 78 21.06 -10.61 13.19
C LYS B 78 21.05 -11.94 13.91
N ASN B 79 21.04 -11.91 15.24
CA ASN B 79 21.25 -13.10 16.05
C ASN B 79 20.03 -13.40 16.89
N PHE B 80 19.62 -14.68 16.83
CA PHE B 80 18.43 -15.19 17.47
C PHE B 80 18.71 -16.37 18.36
N ASP B 81 17.88 -16.53 19.39
CA ASP B 81 18.07 -17.62 20.32
C ASP B 81 17.86 -18.91 19.55
N LYS B 82 18.51 -19.98 20.00
CA LYS B 82 18.31 -21.26 19.31
C LYS B 82 16.83 -21.60 19.33
N VAL B 83 16.20 -21.37 20.47
CA VAL B 83 14.86 -21.84 20.78
C VAL B 83 13.91 -21.43 19.66
N THR B 84 14.24 -20.37 18.93
CA THR B 84 13.32 -19.92 17.90
C THR B 84 13.41 -20.79 16.65
N GLY B 85 14.55 -21.42 16.43
CA GLY B 85 14.79 -22.13 15.21
C GLY B 85 15.26 -21.25 14.07
N MET B 86 15.24 -19.93 14.25
CA MET B 86 15.69 -18.99 13.24
C MET B 86 17.19 -18.92 13.20
N GLY B 87 17.68 -18.37 12.10
CA GLY B 87 19.10 -18.40 11.87
C GLY B 87 19.75 -17.05 11.92
N VAL B 88 21.08 -17.07 12.08
CA VAL B 88 21.91 -15.90 11.84
C VAL B 88 21.53 -15.33 10.50
N ARG B 89 21.31 -14.00 10.44
CA ARG B 89 20.86 -13.31 9.25
C ARG B 89 21.99 -12.52 8.60
N ASN B 90 22.66 -13.08 7.61
CA ASN B 90 23.89 -12.51 7.12
C ASN B 90 23.71 -11.48 6.02
N GLY B 91 24.45 -10.38 6.14
CA GLY B 91 24.21 -9.20 5.35
C GLY B 91 23.39 -8.13 6.03
N THR B 92 22.75 -8.47 7.15
CA THR B 92 21.95 -7.48 7.84
C THR B 92 22.82 -6.36 8.30
N ASP B 93 24.05 -6.67 8.69
CA ASP B 93 25.00 -5.62 9.14
C ASP B 93 25.22 -4.66 7.97
N LYS B 94 25.44 -5.16 6.75
CA LYS B 94 25.62 -4.32 5.57
C LYS B 94 24.39 -3.48 5.32
N ASP B 95 23.23 -4.01 5.68
CA ASP B 95 22.00 -3.26 5.49
C ASP B 95 21.80 -2.20 6.57
N ALA B 96 22.17 -2.49 7.82
CA ALA B 96 22.09 -1.43 8.81
C ALA B 96 23.00 -0.27 8.43
N GLU B 97 24.18 -0.57 7.90
CA GLU B 97 25.11 0.49 7.54
C GLU B 97 24.57 1.32 6.40
N ALA B 98 24.15 0.65 5.34
CA ALA B 98 23.55 1.36 4.25
C ALA B 98 22.45 2.27 4.74
N LEU B 99 21.55 1.73 5.57
CA LEU B 99 20.38 2.45 6.01
C LEU B 99 20.73 3.56 6.96
N PHE B 100 21.59 3.23 7.91
CA PHE B 100 22.15 4.18 8.87
C PHE B 100 22.72 5.40 8.15
N LYS B 101 23.50 5.15 7.11
CA LYS B 101 24.13 6.24 6.41
C LYS B 101 23.11 6.96 5.57
N CYS B 102 22.28 6.24 4.83
CA CYS B 102 21.32 6.90 3.96
C CYS B 102 20.41 7.82 4.75
N PHE B 103 19.89 7.31 5.85
CA PHE B 103 18.97 8.13 6.61
C PHE B 103 19.69 9.19 7.43
N ARG B 104 21.00 9.07 7.61
CA ARG B 104 21.78 10.19 8.14
C ARG B 104 21.82 11.34 7.13
N SER B 105 22.19 11.02 5.90
CA SER B 105 22.23 11.99 4.83
C SER B 105 20.92 12.68 4.65
N LEU B 106 19.82 11.94 4.75
CA LEU B 106 18.52 12.55 4.53
C LEU B 106 18.24 13.65 5.53
N GLY B 107 18.58 13.41 6.79
CA GLY B 107 18.35 14.41 7.82
C GLY B 107 17.90 13.81 9.12
N PHE B 108 17.82 12.49 9.14
CA PHE B 108 17.26 11.78 10.26
C PHE B 108 18.31 11.63 11.34
N ASP B 109 17.86 11.74 12.57
CA ASP B 109 18.68 11.38 13.72
C ASP B 109 18.61 9.86 13.95
N VAL B 110 19.49 9.11 13.25
CA VAL B 110 19.51 7.65 13.26
C VAL B 110 20.01 7.06 14.59
N ILE B 111 19.33 5.99 15.05
CA ILE B 111 19.77 5.12 16.16
C ILE B 111 19.68 3.69 15.64
N VAL B 112 20.77 2.93 15.74
CA VAL B 112 20.76 1.53 15.32
C VAL B 112 20.73 0.69 16.58
N TYR B 113 19.69 -0.14 16.76
CA TYR B 113 19.59 -1.12 17.87
C TYR B 113 20.17 -2.41 17.29
N ASN B 114 20.54 -3.42 18.07
CA ASN B 114 21.22 -4.65 17.56
C ASN B 114 20.82 -5.89 18.38
N ASP B 115 20.60 -7.06 17.75
CA ASP B 115 20.14 -8.30 18.43
C ASP B 115 19.08 -7.86 19.44
N CYS B 116 18.09 -7.06 19.01
CA CYS B 116 17.06 -6.46 19.91
C CYS B 116 16.04 -7.55 20.26
N SER B 117 15.62 -7.69 21.52
CA SER B 117 14.64 -8.71 21.98
C SER B 117 13.23 -8.19 21.70
N CYS B 118 12.23 -9.06 21.57
CA CYS B 118 10.81 -8.68 21.35
C CYS B 118 10.38 -7.65 22.42
N ALA B 119 10.77 -7.84 23.68
CA ALA B 119 10.37 -6.98 24.82
C ALA B 119 10.99 -5.58 24.68
N LYS B 120 12.21 -5.47 24.12
CA LYS B 120 12.93 -4.17 23.94
C LYS B 120 12.55 -3.60 22.57
N MET B 121 12.05 -4.39 21.63
CA MET B 121 11.53 -3.83 20.36
C MET B 121 10.27 -3.08 20.78
N GLN B 122 9.38 -3.72 21.56
CA GLN B 122 8.10 -3.11 22.01
C GLN B 122 8.40 -1.92 22.94
N ASP B 123 9.45 -1.98 23.77
CA ASP B 123 9.72 -0.92 24.72
C ASP B 123 10.24 0.34 24.02
N LEU B 124 11.27 0.19 23.21
CA LEU B 124 11.90 1.36 22.64
C LEU B 124 10.99 2.09 21.67
N LEU B 125 10.07 1.40 21.05
CA LEU B 125 9.16 2.11 20.18
C LEU B 125 8.10 2.82 20.99
N LYS B 126 7.68 2.22 22.10
CA LYS B 126 6.73 2.92 22.96
C LYS B 126 7.36 4.17 23.54
N LYS B 127 8.59 4.03 24.04
CA LYS B 127 9.30 5.16 24.59
C LYS B 127 9.55 6.20 23.51
N ALA B 128 9.77 5.78 22.28
CA ALA B 128 9.95 6.74 21.20
C ALA B 128 8.67 7.50 20.88
N SER B 129 7.50 6.87 21.04
CA SER B 129 6.21 7.53 20.79
C SER B 129 5.81 8.48 21.90
N GLU B 130 6.28 8.22 23.11
CA GLU B 130 6.03 9.11 24.23
C GLU B 130 6.97 10.32 24.19
N GLU B 131 8.04 10.24 23.39
CA GLU B 131 8.90 11.37 23.22
C GLU B 131 8.11 12.51 22.59
N ASP B 132 8.74 13.68 22.55
CA ASP B 132 8.11 14.87 22.04
C ASP B 132 8.65 15.04 20.65
N HIS B 133 7.75 15.09 19.67
CA HIS B 133 8.12 15.18 18.28
C HIS B 133 7.67 16.49 17.70
N THR B 134 7.30 17.41 18.58
CA THR B 134 6.71 18.65 18.14
C THR B 134 7.58 19.38 17.14
N ASN B 135 8.87 19.12 17.18
CA ASN B 135 9.85 19.81 16.36
C ASN B 135 10.39 18.97 15.21
N ALA B 136 9.77 17.80 14.93
CA ALA B 136 10.22 16.87 13.91
C ALA B 136 9.24 16.85 12.76
N ALA B 137 9.75 16.71 11.54
CA ALA B 137 8.84 16.64 10.41
C ALA B 137 8.16 15.28 10.28
N CYS B 138 8.90 14.18 10.50
CA CYS B 138 8.31 12.86 10.45
C CYS B 138 9.03 11.93 11.42
N PHE B 139 8.78 10.64 11.26
CA PHE B 139 9.44 9.63 12.05
C PHE B 139 9.62 8.38 11.21
N ALA B 140 10.83 7.91 11.06
CA ALA B 140 11.05 6.67 10.35
C ALA B 140 11.35 5.56 11.35
N CYS B 141 11.01 4.34 10.99
CA CYS B 141 11.44 3.19 11.77
C CYS B 141 11.71 2.06 10.79
N ILE B 142 12.78 1.30 11.04
CA ILE B 142 13.27 0.33 10.08
C ILE B 142 13.59 -0.97 10.80
N LEU B 143 12.97 -2.07 10.36
CA LEU B 143 13.08 -3.35 11.03
C LEU B 143 13.75 -4.36 10.13
N LEU B 144 14.76 -5.03 10.68
CA LEU B 144 15.63 -5.91 9.92
C LEU B 144 15.66 -7.21 10.69
N SER B 145 14.61 -8.03 10.58
CA SER B 145 14.67 -9.31 11.28
C SER B 145 14.05 -10.40 10.42
N HIS B 146 13.60 -11.44 11.08
CA HIS B 146 12.83 -12.51 10.48
C HIS B 146 11.32 -12.22 10.67
N GLY B 147 10.52 -12.84 9.84
CA GLY B 147 9.12 -12.49 9.85
C GLY B 147 8.28 -13.62 9.33
N GLU B 148 7.00 -13.62 9.75
CA GLU B 148 5.97 -14.58 9.27
C GLU B 148 4.71 -13.73 9.08
N GLU B 149 3.59 -14.31 8.66
CA GLU B 149 2.35 -13.53 8.37
C GLU B 149 2.07 -12.56 9.53
N ASN B 150 2.19 -11.24 9.34
CA ASN B 150 1.78 -10.21 10.35
C ASN B 150 2.58 -10.30 11.65
N VAL B 151 3.84 -10.77 11.64
CA VAL B 151 4.72 -10.77 12.85
C VAL B 151 6.20 -10.58 12.48
N ILE B 152 6.95 -9.70 13.17
CA ILE B 152 8.40 -9.59 13.10
C ILE B 152 9.02 -10.36 14.24
N TYR B 153 10.17 -10.93 13.98
CA TYR B 153 10.79 -11.72 15.03
C TYR B 153 11.72 -10.89 15.90
N GLY B 154 11.98 -11.40 17.09
CA GLY B 154 13.03 -10.87 17.94
C GLY B 154 14.08 -11.92 18.25
N LYS B 155 14.97 -11.66 19.22
CA LYS B 155 15.92 -12.71 19.58
C LYS B 155 15.20 -13.84 20.33
N ASP B 156 14.15 -13.54 21.12
CA ASP B 156 13.42 -14.50 21.95
C ASP B 156 12.07 -14.95 21.40
N GLY B 157 11.55 -14.37 20.30
CA GLY B 157 10.27 -14.82 19.72
C GLY B 157 9.67 -13.94 18.62
N VAL B 158 8.37 -13.67 18.64
CA VAL B 158 7.76 -12.86 17.59
C VAL B 158 6.81 -11.86 18.22
N THR B 159 6.81 -10.65 17.67
CA THR B 159 5.84 -9.66 18.03
C THR B 159 5.07 -9.26 16.80
N PRO B 160 3.75 -9.12 16.93
CA PRO B 160 2.96 -8.58 15.82
C PRO B 160 3.49 -7.22 15.42
N ILE B 161 3.61 -7.04 14.12
CA ILE B 161 4.09 -5.77 13.62
C ILE B 161 3.07 -4.70 13.93
N LYS B 162 1.80 -5.03 13.82
CA LYS B 162 0.79 -4.03 14.14
C LYS B 162 0.92 -3.55 15.56
N ASP B 163 1.34 -4.40 16.46
CA ASP B 163 1.53 -3.96 17.84
C ASP B 163 2.71 -3.01 17.95
N LEU B 164 3.76 -3.24 17.19
CA LEU B 164 4.92 -2.36 17.28
C LEU B 164 4.60 -0.98 16.74
N THR B 165 3.83 -0.90 15.66
CA THR B 165 3.53 0.40 15.08
C THR B 165 2.43 1.11 15.82
N ALA B 166 1.60 0.39 16.55
CA ALA B 166 0.45 0.98 17.18
C ALA B 166 0.83 2.15 18.08
N HIS B 167 1.99 2.08 18.70
CA HIS B 167 2.44 3.12 19.61
C HIS B 167 2.43 4.52 18.99
N PHE B 168 2.53 4.63 17.66
CA PHE B 168 2.60 5.91 17.00
C PHE B 168 1.26 6.32 16.43
N ARG B 169 0.20 5.58 16.73
CA ARG B 169 -1.15 5.96 16.32
C ARG B 169 -1.37 7.38 16.78
N GLY B 170 -2.34 8.08 16.20
CA GLY B 170 -2.62 9.44 16.61
C GLY B 170 -3.19 9.52 18.02
N ASP B 171 -3.99 8.55 18.40
CA ASP B 171 -4.58 8.63 19.73
C ASP B 171 -3.56 8.33 20.83
N ARG B 172 -2.30 8.13 20.51
CA ARG B 172 -1.28 7.79 21.48
C ARG B 172 -0.08 8.72 21.41
N CYS B 173 0.37 8.95 20.18
CA CYS B 173 1.54 9.75 19.86
C CYS B 173 1.08 11.06 19.25
N LYS B 174 0.52 11.90 20.10
CA LYS B 174 -0.08 13.14 19.66
C LYS B 174 0.93 14.02 18.97
N THR B 175 2.21 13.86 19.30
CA THR B 175 3.22 14.77 18.82
C THR B 175 3.65 14.44 17.41
N LEU B 176 3.37 13.21 16.95
CA LEU B 176 3.57 12.80 15.57
C LEU B 176 2.27 12.80 14.80
N LEU B 177 1.32 13.59 15.23
CA LEU B 177 0.09 13.70 14.48
C LEU B 177 0.35 14.39 13.15
N GLU B 178 -0.44 14.03 12.15
CA GLU B 178 -0.40 14.66 10.83
C GLU B 178 0.97 14.63 10.19
N LYS B 179 1.85 13.78 10.68
CA LYS B 179 3.16 13.71 10.08
C LYS B 179 3.47 12.27 9.72
N PRO B 180 4.18 12.05 8.63
CA PRO B 180 4.43 10.69 8.19
C PRO B 180 5.07 9.86 9.27
N LYS B 181 4.58 8.64 9.40
CA LYS B 181 5.15 7.60 10.24
C LYS B 181 5.61 6.53 9.27
N LEU B 182 6.90 6.42 9.07
CA LEU B 182 7.41 5.55 8.03
C LEU B 182 7.91 4.29 8.67
N PHE B 183 7.61 3.20 8.03
CA PHE B 183 7.99 1.91 8.51
C PHE B 183 8.45 1.12 7.31
N PHE B 184 9.70 0.68 7.38
CA PHE B 184 10.33 -0.12 6.35
C PHE B 184 10.66 -1.44 6.98
N ILE B 185 10.34 -2.54 6.30
CA ILE B 185 10.49 -3.85 6.91
C ILE B 185 11.14 -4.80 5.93
N GLN B 186 12.20 -5.43 6.37
CA GLN B 186 12.88 -6.50 5.69
C GLN B 186 12.73 -7.68 6.62
N ALA B 187 11.79 -8.56 6.29
CA ALA B 187 11.57 -9.80 7.02
C ALA B 187 10.73 -10.66 6.09
N CYS B 188 10.73 -11.97 6.32
CA CYS B 188 10.17 -12.90 5.32
C CYS B 188 8.63 -13.03 5.31
N ARG B 189 7.97 -11.95 4.82
CA ARG B 189 6.49 -11.87 4.64
C ARG B 189 5.99 -10.39 4.72
N LYS B 214 -11.09 16.25 14.16
CA LYS B 214 -11.56 14.87 13.94
C LYS B 214 -10.74 14.14 12.87
N ILE B 215 -9.49 13.78 13.19
CA ILE B 215 -8.56 13.16 12.24
C ILE B 215 -8.43 11.68 12.58
N PRO B 216 -8.60 10.78 11.61
CA PRO B 216 -8.52 9.35 11.92
C PRO B 216 -7.18 9.03 12.54
N VAL B 217 -7.11 7.89 13.20
CA VAL B 217 -5.89 7.54 13.92
C VAL B 217 -4.83 7.00 12.99
N GLU B 218 -5.17 6.07 12.08
CA GLU B 218 -4.17 5.33 11.24
C GLU B 218 -3.80 6.17 10.03
N ALA B 219 -4.33 7.39 9.89
CA ALA B 219 -3.94 8.32 8.81
C ALA B 219 -2.48 8.69 9.00
N ASP B 220 -1.80 9.13 7.93
CA ASP B 220 -0.40 9.60 7.99
C ASP B 220 0.54 8.48 8.41
N PHE B 221 0.30 7.23 8.04
CA PHE B 221 1.20 6.06 8.26
C PHE B 221 1.71 5.64 6.88
N LEU B 222 2.76 4.84 6.75
CA LEU B 222 3.23 4.27 5.46
C LEU B 222 4.07 3.05 5.78
N PHE B 223 3.95 1.96 5.02
CA PHE B 223 4.75 0.77 5.20
C PHE B 223 5.39 0.36 3.90
N ALA B 224 6.66 0.04 3.97
CA ALA B 224 7.36 -0.56 2.86
C ALA B 224 7.92 -1.89 3.37
N TYR B 225 7.22 -2.98 3.03
CA TYR B 225 7.64 -4.37 3.36
C TYR B 225 8.58 -4.80 2.21
N SER B 226 9.54 -5.69 2.47
CA SER B 226 10.55 -6.11 1.46
C SER B 226 9.94 -7.08 0.45
N THR B 227 9.00 -7.92 0.88
CA THR B 227 8.39 -8.95 0.00
C THR B 227 6.88 -9.01 0.23
N VAL B 228 6.09 -9.00 -0.84
CA VAL B 228 4.61 -9.15 -0.73
C VAL B 228 4.36 -10.37 0.18
N PRO B 229 3.41 -10.33 1.13
CA PRO B 229 3.19 -11.43 2.07
C PRO B 229 3.69 -12.79 1.55
N SER B 233 11.31 -12.88 1.53
CA SER B 233 12.21 -11.70 1.58
C SER B 233 13.64 -12.23 1.41
N TRP B 234 14.31 -12.02 0.26
CA TRP B 234 15.60 -12.63 -0.04
C TRP B 234 16.74 -11.63 0.12
N ARG B 235 17.91 -12.15 0.51
CA ARG B 235 19.13 -11.34 0.69
C ARG B 235 20.39 -11.90 -0.01
N GLY B 238 24.89 -12.25 1.92
CA GLY B 238 26.12 -11.82 2.58
C GLY B 238 26.66 -10.53 1.98
N ARG B 239 26.23 -10.29 0.74
CA ARG B 239 26.50 -9.05 0.00
C ARG B 239 25.33 -8.08 0.08
N GLY B 240 24.73 -7.95 1.28
CA GLY B 240 23.54 -7.15 1.47
C GLY B 240 22.27 -7.95 1.28
N SER B 241 21.16 -7.22 1.13
CA SER B 241 19.86 -7.75 0.71
C SER B 241 19.30 -6.91 -0.44
N TRP B 242 18.37 -7.49 -1.20
CA TRP B 242 17.96 -6.86 -2.45
C TRP B 242 17.18 -5.59 -2.19
N PHE B 243 16.17 -5.69 -1.34
CA PHE B 243 15.29 -4.56 -1.11
C PHE B 243 16.08 -3.38 -0.61
N VAL B 244 17.03 -3.61 0.28
CA VAL B 244 17.77 -2.55 0.94
C VAL B 244 18.87 -1.99 0.05
N GLN B 245 19.72 -2.84 -0.50
CA GLN B 245 20.71 -2.37 -1.45
C GLN B 245 20.02 -1.39 -2.41
N ALA B 246 18.80 -1.71 -2.77
CA ALA B 246 18.05 -0.94 -3.75
C ALA B 246 17.46 0.31 -3.12
N LEU B 247 16.82 0.18 -1.95
CA LEU B 247 16.27 1.34 -1.28
C LEU B 247 17.32 2.43 -1.12
N CYS B 248 18.55 2.02 -0.81
CA CYS B 248 19.62 2.93 -0.45
C CYS B 248 20.28 3.54 -1.66
N SER B 249 20.52 2.72 -2.67
CA SER B 249 20.88 3.23 -3.98
C SER B 249 19.95 4.36 -4.37
N ILE B 250 18.65 4.14 -4.25
CA ILE B 250 17.70 5.11 -4.80
C ILE B 250 17.64 6.35 -3.94
N LEU B 251 17.78 6.21 -2.63
CA LEU B 251 17.80 7.40 -1.81
C LEU B 251 19.10 8.19 -1.99
N GLU B 252 20.24 7.50 -2.12
CA GLU B 252 21.52 8.22 -2.33
C GLU B 252 21.44 9.19 -3.50
N GLU B 253 20.80 8.81 -4.60
CA GLU B 253 20.71 9.71 -5.76
C GLU B 253 19.49 10.62 -5.64
N HIS B 254 18.30 10.08 -5.86
CA HIS B 254 17.10 10.90 -5.95
C HIS B 254 16.41 11.13 -4.62
N GLY B 255 16.99 10.67 -3.53
CA GLY B 255 16.33 10.79 -2.24
C GLY B 255 15.88 12.18 -1.88
N LYS B 256 16.54 13.19 -2.39
CA LYS B 256 16.17 14.53 -1.96
C LYS B 256 15.35 15.26 -2.99
N ASP B 257 15.07 14.61 -4.12
CA ASP B 257 14.38 15.27 -5.25
C ASP B 257 13.20 14.46 -5.77
N LEU B 258 12.67 13.48 -5.02
CA LEU B 258 11.60 12.61 -5.51
C LEU B 258 10.63 12.28 -4.39
N GLU B 259 9.34 12.14 -4.72
CA GLU B 259 8.38 11.84 -3.67
C GLU B 259 8.54 10.40 -3.19
N ILE B 260 8.03 10.16 -2.00
CA ILE B 260 8.26 8.89 -1.32
C ILE B 260 7.73 7.74 -2.15
N MET B 261 6.56 7.94 -2.78
CA MET B 261 5.99 6.88 -3.60
C MET B 261 6.77 6.71 -4.89
N GLN B 262 7.34 7.80 -5.43
CA GLN B 262 8.18 7.68 -6.62
C GLN B 262 9.40 6.85 -6.32
N ILE B 263 9.95 7.07 -5.14
CA ILE B 263 11.07 6.27 -4.68
C ILE B 263 10.66 4.83 -4.54
N LEU B 264 9.72 4.56 -3.64
CA LEU B 264 9.48 3.16 -3.30
C LEU B 264 9.07 2.40 -4.52
N THR B 265 8.41 3.09 -5.45
CA THR B 265 8.05 2.49 -6.73
C THR B 265 9.31 2.08 -7.48
N ARG B 266 10.28 2.98 -7.51
CA ARG B 266 11.53 2.69 -8.20
C ARG B 266 12.26 1.57 -7.50
N VAL B 267 12.04 1.42 -6.20
CA VAL B 267 12.65 0.32 -5.46
C VAL B 267 11.99 -0.99 -5.84
N ASN B 268 10.68 -0.95 -6.11
CA ASN B 268 9.96 -2.11 -6.61
C ASN B 268 10.51 -2.59 -7.93
N ASP B 269 10.64 -1.69 -8.91
CA ASP B 269 11.15 -2.11 -10.22
C ASP B 269 12.55 -2.69 -10.06
N ARG B 270 13.40 -2.04 -9.27
CA ARG B 270 14.75 -2.54 -9.08
C ARG B 270 14.75 -3.94 -8.48
N VAL B 271 13.95 -4.16 -7.45
CA VAL B 271 13.90 -5.50 -6.89
C VAL B 271 13.35 -6.48 -7.90
N ALA B 272 12.25 -6.10 -8.57
CA ALA B 272 11.60 -6.99 -9.52
C ALA B 272 12.53 -7.37 -10.66
N ARG B 273 13.12 -6.37 -11.34
CA ARG B 273 13.99 -6.61 -12.52
C ARG B 273 15.15 -7.52 -12.08
N HIS B 274 15.95 -7.07 -11.11
CA HIS B 274 17.13 -7.85 -10.60
C HIS B 274 17.72 -7.06 -9.43
N PHE B 275 18.26 -7.72 -8.39
CA PHE B 275 18.93 -7.05 -7.23
C PHE B 275 19.36 -8.10 -6.20
N LYS B 288 12.58 -14.44 -8.32
CA LYS B 288 12.59 -13.05 -7.86
C LYS B 288 11.36 -12.79 -6.94
N GLN B 289 11.37 -11.63 -6.31
CA GLN B 289 10.30 -11.19 -5.42
C GLN B 289 9.84 -9.82 -5.86
N ILE B 290 8.79 -9.32 -5.22
CA ILE B 290 8.31 -7.97 -5.47
C ILE B 290 8.06 -7.33 -4.11
N PRO B 291 8.53 -6.11 -3.84
CA PRO B 291 8.19 -5.43 -2.60
C PRO B 291 6.83 -4.80 -2.69
N CYS B 292 6.22 -4.73 -1.41
CA CYS B 292 4.85 -4.17 -1.23
C CYS B 292 4.95 -2.80 -0.59
N VAL B 293 3.99 -1.87 -0.95
CA VAL B 293 3.97 -0.56 -0.31
C VAL B 293 2.55 -0.24 0.06
N VAL B 294 2.35 0.01 1.35
CA VAL B 294 1.05 0.46 1.88
C VAL B 294 1.25 1.93 2.20
N SER B 295 0.32 2.80 1.83
CA SER B 295 0.36 4.22 2.13
C SER B 295 -0.99 4.53 2.76
N MET B 296 -0.97 5.08 3.97
CA MET B 296 -2.05 5.87 4.50
C MET B 296 -1.73 7.35 4.47
N LEU B 297 -0.60 7.72 3.86
CA LEU B 297 -0.24 9.11 3.80
C LEU B 297 -1.35 9.89 3.13
N THR B 298 -1.59 11.11 3.65
CA THR B 298 -2.60 12.04 3.16
C THR B 298 -2.01 13.21 2.41
N LYS B 299 -0.69 13.22 2.19
CA LYS B 299 -0.01 14.29 1.47
C LYS B 299 1.22 13.69 0.82
N GLU B 300 1.94 14.50 0.08
CA GLU B 300 3.13 14.02 -0.62
C GLU B 300 4.36 14.27 0.22
N LEU B 301 5.22 13.28 0.33
CA LEU B 301 6.34 13.30 1.26
C LEU B 301 7.63 13.48 0.51
N TYR B 302 8.19 14.69 0.57
CA TYR B 302 9.51 15.02 0.08
C TYR B 302 10.42 15.27 1.28
N PHE B 303 11.64 14.75 1.23
CA PHE B 303 12.54 14.94 2.38
C PHE B 303 13.37 16.23 2.26
N SER B 304 12.72 17.36 1.99
CA SER B 304 13.51 18.53 1.70
C SER B 304 12.68 19.74 1.35
N GLN B 305 13.39 20.86 1.13
CA GLN B 305 12.87 22.21 0.87
C GLN B 305 11.45 22.46 1.37
C01 SE1 C . -1.27 -9.49 -5.97
C02 SE1 C . -1.52 -10.34 -7.04
C03 SE1 C . -2.03 -11.60 -6.88
C04 SE1 C . -2.32 -12.07 -5.66
C05 SE1 C . -2.07 -11.25 -4.59
C06 SE1 C . -1.57 -9.97 -4.71
C08 SE1 C . -3.75 -10.79 -2.68
C09 SE1 C . -3.63 -9.89 -1.75
C10 SE1 C . -4.60 -8.95 -1.48
C11 SE1 C . -5.75 -8.90 -2.26
C12 SE1 C . -5.82 -9.83 -3.26
C13 SE1 C . -4.80 -10.72 -3.45
C16 SE1 C . -2.67 -12.55 0.64
C17 SE1 C . -2.81 -11.95 2.08
C18 SE1 C . -3.76 -12.84 3.03
C19 SE1 C . -5.14 -13.01 2.36
C20 SE1 C . -5.06 -13.62 0.94
C21 SE1 C . -4.09 -12.72 0.00
C22 SE1 C . -4.22 -14.97 0.93
C23 SE1 C . -2.78 -14.75 1.50
C24 SE1 C . -2.04 -13.83 0.74
C25 SE1 C . -2.91 -14.17 3.02
C28 SE1 C . -2.88 -13.47 -5.42
N15 SE1 C . -1.81 -11.62 -0.26
O26 SE1 C . -2.24 -9.07 0.53
O27 SE1 C . -1.01 -9.35 -1.29
O29 SE1 C . -2.09 -14.47 -5.19
O30 SE1 C . -4.11 -13.65 -5.43
S07 SE1 C . -2.53 -12.03 -3.07
S14 SE1 C . -2.14 -9.95 -0.66
H011 SE1 C . -0.87 -8.51 -6.13
H021 SE1 C . -1.27 -10.01 -8.04
H031 SE1 C . -2.23 -12.25 -7.69
H061 SE1 C . -1.40 -9.35 -3.83
H101 SE1 C . -4.45 -8.27 -0.66
H111 SE1 C . -6.55 -8.17 -2.11
H121 SE1 C . -6.69 -9.88 -3.91
H131 SE1 C . -4.79 -11.47 -4.16
H171 SE1 C . -1.79 -11.77 2.57
H172 SE1 C . -3.31 -10.92 2.01
H181 SE1 C . -3.82 -12.42 4.02
H191 SE1 C . -5.77 -13.64 2.99
H192 SE1 C . -5.61 -12.00 2.28
H201 SE1 C . -6.04 -13.75 0.49
H211 SE1 C . -4.55 -11.75 -0.08
H212 SE1 C . -4.03 -13.13 -0.98
H221 SE1 C . -4.18 -15.39 -0.09
H222 SE1 C . -4.76 -15.70 1.54
H231 SE1 C . -2.28 -15.75 1.56
H242 SE1 C . -1.89 -14.23 -0.27
H241 SE1 C . -1.03 -13.71 1.14
H251 SE1 C . -1.97 -14.04 3.46
H252 SE1 C . -3.46 -14.94 3.65
H151 SE1 C . -1.21 -12.03 -0.93
#